data_8EK3
#
_entry.id   8EK3
#
_cell.length_a   42.915
_cell.length_b   61.270
_cell.length_c   44.246
_cell.angle_alpha   90.000
_cell.angle_beta   117.077
_cell.angle_gamma   90.000
#
_symmetry.space_group_name_H-M   'P 1 21 1'
#
loop_
_entity.id
_entity.type
_entity.pdbx_description
1 polymer "DNA (5'-D(*AP*AP*TP*AP*AP*GP*CP*GP*GP*AP*AP*TP*GP*GP*GP*G)-3')"
2 polymer "DNA (5'-D(*TP*CP*CP*CP*CP*AP*TP*TP*CP*CP*GP*CP*TP*TP*AP*T)-3')"
3 polymer 'Transcription factor PU.1'
4 non-polymer 'SODIUM ION'
5 water water
#
loop_
_entity_poly.entity_id
_entity_poly.type
_entity_poly.pdbx_seq_one_letter_code
_entity_poly.pdbx_strand_id
1 'polydeoxyribonucleotide' (DA)(DA)(DT)(DA)(DA)(DG)(DC)(DG)(DG)(DA)(DA)(DT)(DG)(DG)(DG)(DG) C
2 'polydeoxyribonucleotide' (DT)(DC)(DC)(DC)(DC)(DA)(DT)(DT)(DC)(DC)(DG)(DC)(DT)(DT)(DA)(DT) D
3 'polypeptide(L)'
;GSKKKIRLYQFLLDLLRSGDMKDSIWWVDKDKGTFQFSSKHKEALAHRWGIQKGNRKKMTYEKMARALRNYGKTGEVKKV
KKKLTYQFSGEVLGRGGLAERRHPPH
;
F
#
loop_
_chem_comp.id
_chem_comp.type
_chem_comp.name
_chem_comp.formula
DA DNA linking 2'-DEOXYADENOSINE-5'-MONOPHOSPHATE 'C10 H14 N5 O6 P'
DC DNA linking 2'-DEOXYCYTIDINE-5'-MONOPHOSPHATE 'C9 H14 N3 O7 P'
DG DNA linking 2'-DEOXYGUANOSINE-5'-MONOPHOSPHATE 'C10 H14 N5 O7 P'
DT DNA linking THYMIDINE-5'-MONOPHOSPHATE 'C10 H15 N2 O8 P'
NA non-polymer 'SODIUM ION' 'Na 1'
#
# COMPACT_ATOMS: atom_id res chain seq x y z
N LYS C 5 16.23 4.92 0.92
CA LYS C 5 14.90 5.07 1.49
C LYS C 5 13.97 3.96 1.02
N ILE C 6 13.07 3.55 1.91
CA ILE C 6 12.17 2.45 1.60
C ILE C 6 11.24 2.85 0.45
N ARG C 7 10.94 1.89 -0.41
CA ARG C 7 9.97 2.12 -1.48
C ARG C 7 8.55 1.88 -0.97
N LEU C 8 7.61 2.58 -1.58
CA LEU C 8 6.21 2.49 -1.15
C LEU C 8 5.71 1.04 -1.10
N TYR C 9 5.98 0.24 -2.14
CA TYR C 9 5.42 -1.12 -2.11
C TYR C 9 6.01 -1.92 -0.96
N GLN C 10 7.26 -1.65 -0.59
CA GLN C 10 7.89 -2.37 0.52
C GLN C 10 7.31 -1.91 1.85
N PHE C 11 7.05 -0.62 2.00
CA PHE C 11 6.38 -0.10 3.18
C PHE C 11 5.05 -0.83 3.41
N LEU C 12 4.25 -0.96 2.35
CA LEU C 12 2.96 -1.65 2.47
C LEU C 12 3.12 -3.12 2.78
N LEU C 13 4.03 -3.82 2.10
CA LEU C 13 4.26 -5.22 2.40
C LEU C 13 4.71 -5.41 3.83
N ASP C 14 5.59 -4.54 4.31
CA ASP C 14 6.07 -4.63 5.69
C ASP C 14 4.94 -4.44 6.68
N LEU C 15 4.02 -3.50 6.42
CA LEU C 15 2.89 -3.31 7.32
C LEU C 15 2.01 -4.55 7.36
N LEU C 16 1.75 -5.14 6.19
CA LEU C 16 0.93 -6.35 6.16
C LEU C 16 1.59 -7.49 6.91
N ARG C 17 2.92 -7.58 6.86
CA ARG C 17 3.62 -8.65 7.57
C ARG C 17 3.62 -8.40 9.07
N SER C 18 3.76 -7.14 9.50
CA SER C 18 3.85 -6.85 10.93
C SER C 18 2.48 -6.81 11.59
N GLY C 19 1.43 -6.50 10.83
CA GLY C 19 0.12 -6.28 11.41
C GLY C 19 0.00 -5.02 12.24
N ASP C 20 0.89 -4.04 12.04
CA ASP C 20 0.92 -2.83 12.87
C ASP C 20 -0.32 -1.97 12.70
N MET C 21 -0.94 -2.00 11.52
CA MET C 21 -2.08 -1.15 11.20
C MET C 21 -3.19 -1.99 10.57
N LYS C 22 -3.59 -3.04 11.30
CA LYS C 22 -4.57 -4.00 10.80
C LYS C 22 -5.93 -3.38 10.50
N ASP C 23 -6.25 -2.24 11.12
CA ASP C 23 -7.51 -1.59 10.84
C ASP C 23 -7.46 -0.69 9.61
N SER C 24 -6.28 -0.51 9.02
CA SER C 24 -6.11 0.31 7.82
C SER C 24 -5.83 -0.48 6.56
N ILE C 25 -5.29 -1.69 6.66
CA ILE C 25 -4.87 -2.48 5.51
C ILE C 25 -4.93 -3.95 5.92
N TRP C 26 -5.28 -4.81 4.98
CA TRP C 26 -5.35 -6.24 5.27
C TRP C 26 -5.20 -7.03 3.98
N TRP C 27 -4.78 -8.28 4.13
CA TRP C 27 -4.81 -9.20 3.01
C TRP C 27 -6.24 -9.56 2.68
N VAL C 28 -6.52 -9.73 1.39
CA VAL C 28 -7.78 -10.31 0.93
C VAL C 28 -7.52 -11.77 0.62
N ASP C 29 -6.58 -12.05 -0.28
CA ASP C 29 -6.12 -13.40 -0.60
C ASP C 29 -4.59 -13.35 -0.51
N LYS C 30 -4.05 -13.76 0.63
CA LYS C 30 -2.63 -13.55 0.85
C LYS C 30 -1.79 -14.41 -0.09
N ASP C 31 -2.25 -15.63 -0.39
CA ASP C 31 -1.46 -16.47 -1.30
C ASP C 31 -1.34 -15.82 -2.67
N LYS C 32 -2.36 -15.09 -3.09
CA LYS C 32 -2.34 -14.38 -4.36
C LYS C 32 -1.75 -12.98 -4.25
N GLY C 33 -1.53 -12.50 -3.03
CA GLY C 33 -0.94 -11.19 -2.83
C GLY C 33 -1.91 -10.05 -2.97
N THR C 34 -3.21 -10.28 -2.88
CA THR C 34 -4.19 -9.20 -2.96
C THR C 34 -4.45 -8.64 -1.57
N PHE C 35 -4.54 -7.31 -1.51
CA PHE C 35 -4.72 -6.60 -0.26
C PHE C 35 -5.64 -5.42 -0.48
N GLN C 36 -6.22 -4.92 0.62
CA GLN C 36 -7.23 -3.89 0.54
C GLN C 36 -7.03 -2.87 1.66
N PHE C 37 -7.28 -1.60 1.33
CA PHE C 37 -7.28 -0.52 2.32
C PHE C 37 -8.67 -0.34 2.92
N SER C 38 -8.68 0.14 4.16
CA SER C 38 -9.92 0.54 4.84
C SER C 38 -10.45 1.86 4.30
N SER C 39 -11.72 1.90 3.93
CA SER C 39 -12.31 3.15 3.49
C SER C 39 -12.15 4.23 4.57
N LYS C 40 -12.43 3.88 5.81
CA LYS C 40 -12.46 4.88 6.88
C LYS C 40 -11.11 5.14 7.52
N HIS C 41 -10.14 4.23 7.41
CA HIS C 41 -8.90 4.33 8.17
C HIS C 41 -7.66 4.35 7.28
N LYS C 42 -7.83 4.48 5.97
CA LYS C 42 -6.67 4.54 5.09
C LYS C 42 -5.87 5.83 5.26
N GLU C 43 -6.50 6.93 5.66
CA GLU C 43 -5.75 8.18 5.71
C GLU C 43 -4.68 8.12 6.80
N ALA C 44 -4.93 7.44 7.92
CA ALA C 44 -3.91 7.32 8.95
C ALA C 44 -2.68 6.58 8.42
N LEU C 45 -2.90 5.61 7.54
CA LEU C 45 -1.79 4.89 6.94
C LEU C 45 -1.04 5.79 5.97
N ALA C 46 -1.77 6.53 5.13
CA ALA C 46 -1.11 7.49 4.25
C ALA C 46 -0.30 8.50 5.04
N HIS C 47 -0.86 9.02 6.13
CA HIS C 47 -0.10 9.95 6.95
C HIS C 47 1.22 9.33 7.37
N ARG C 48 1.18 8.07 7.80
CA ARG C 48 2.38 7.40 8.28
CA ARG C 48 2.38 7.40 8.28
C ARG C 48 3.44 7.31 7.17
N TRP C 49 3.03 7.00 5.94
CA TRP C 49 3.95 6.93 4.83
C TRP C 49 4.67 8.26 4.63
N GLY C 50 3.93 9.37 4.61
CA GLY C 50 4.55 10.67 4.40
C GLY C 50 5.52 11.02 5.52
N ILE C 51 5.16 10.71 6.76
CA ILE C 51 6.03 11.00 7.89
C ILE C 51 7.29 10.16 7.82
N GLN C 52 7.16 8.87 7.48
CA GLN C 52 8.34 8.01 7.33
C GLN C 52 9.26 8.55 6.25
N LYS C 53 8.69 9.09 5.17
CA LYS C 53 9.48 9.64 4.07
C LYS C 53 10.04 11.03 4.36
N GLY C 54 9.53 11.73 5.37
CA GLY C 54 9.99 13.08 5.64
C GLY C 54 9.51 14.09 4.62
N ASN C 55 8.38 13.83 3.97
CA ASN C 55 7.89 14.68 2.89
C ASN C 55 7.48 16.04 3.44
N ARG C 56 7.52 17.05 2.56
CA ARG C 56 7.20 18.40 2.98
C ARG C 56 5.74 18.52 3.40
N LYS C 57 4.83 17.96 2.60
CA LYS C 57 3.40 18.07 2.86
C LYS C 57 2.86 16.81 3.53
N LYS C 58 1.66 16.95 4.09
CA LYS C 58 0.94 15.80 4.63
C LYS C 58 0.58 14.87 3.48
N MET C 59 0.86 13.59 3.64
CA MET C 59 0.50 12.60 2.63
C MET C 59 -0.97 12.25 2.77
N THR C 60 -1.61 12.05 1.63
CA THR C 60 -3.01 11.65 1.57
C THR C 60 -3.11 10.33 0.81
N TYR C 61 -4.25 9.65 1.00
CA TYR C 61 -4.47 8.44 0.24
C TYR C 61 -4.45 8.72 -1.26
N GLU C 62 -5.04 9.82 -1.69
CA GLU C 62 -5.03 10.18 -3.11
CA GLU C 62 -5.02 10.19 -3.11
C GLU C 62 -3.60 10.21 -3.66
N LYS C 63 -2.68 10.88 -2.94
CA LYS C 63 -1.30 10.98 -3.46
C LYS C 63 -0.57 9.63 -3.37
N MET C 64 -0.89 8.84 -2.33
CA MET C 64 -0.26 7.54 -2.21
C MET C 64 -0.72 6.64 -3.34
N ALA C 65 -2.02 6.68 -3.66
CA ALA C 65 -2.53 5.86 -4.76
C ALA C 65 -2.03 6.36 -6.11
N ARG C 66 -1.75 7.66 -6.25
CA ARG C 66 -1.11 8.15 -7.47
C ARG C 66 0.25 7.50 -7.68
N ALA C 67 1.03 7.36 -6.60
CA ALA C 67 2.30 6.66 -6.70
C ALA C 67 2.08 5.18 -6.98
N LEU C 68 1.07 4.56 -6.35
CA LEU C 68 0.82 3.14 -6.56
C LEU C 68 0.52 2.84 -8.01
N ARG C 69 -0.23 3.73 -8.67
CA ARG C 69 -0.56 3.50 -10.08
C ARG C 69 0.70 3.46 -10.95
N ASN C 70 1.77 4.16 -10.55
CA ASN C 70 2.99 4.14 -11.34
C ASN C 70 3.69 2.78 -11.31
N TYR C 71 3.30 1.86 -10.41
CA TYR C 71 3.84 0.52 -10.44
C TYR C 71 3.15 -0.38 -11.46
N GLY C 72 2.05 0.07 -12.06
CA GLY C 72 1.30 -0.80 -12.94
C GLY C 72 2.13 -1.30 -14.10
N LYS C 73 2.97 -0.44 -14.67
CA LYS C 73 3.69 -0.83 -15.88
C LYS C 73 4.90 -1.70 -15.57
N THR C 74 5.54 -1.48 -14.44
CA THR C 74 6.67 -2.31 -14.03
C THR C 74 6.24 -3.56 -13.28
N GLY C 75 5.06 -3.54 -12.63
CA GLY C 75 4.39 -4.74 -12.19
C GLY C 75 4.41 -5.01 -10.69
N GLU C 76 5.10 -4.21 -9.88
CA GLU C 76 5.22 -4.53 -8.46
C GLU C 76 3.87 -4.57 -7.78
N VAL C 77 2.97 -3.66 -8.16
CA VAL C 77 1.63 -3.58 -7.60
C VAL C 77 0.69 -3.24 -8.75
N LYS C 78 -0.44 -3.94 -8.82
CA LYS C 78 -1.47 -3.66 -9.80
C LYS C 78 -2.81 -3.46 -9.09
N LYS C 79 -3.64 -2.59 -9.67
CA LYS C 79 -4.99 -2.39 -9.18
C LYS C 79 -5.87 -3.58 -9.56
N VAL C 80 -6.65 -4.05 -8.57
CA VAL C 80 -7.68 -5.07 -8.75
C VAL C 80 -9.02 -4.35 -8.89
N LYS C 81 -9.92 -4.91 -9.69
CA LYS C 81 -11.23 -4.30 -9.90
C LYS C 81 -12.18 -4.57 -8.74
N LYS C 82 -11.72 -4.26 -7.54
CA LYS C 82 -12.52 -4.27 -6.33
C LYS C 82 -12.17 -3.04 -5.52
N LYS C 83 -13.12 -2.58 -4.73
CA LYS C 83 -12.93 -1.33 -4.00
C LYS C 83 -11.65 -1.37 -3.16
N LEU C 84 -10.79 -0.39 -3.39
CA LEU C 84 -9.58 -0.15 -2.58
C LEU C 84 -8.61 -1.34 -2.56
N THR C 85 -8.63 -2.17 -3.61
CA THR C 85 -7.90 -3.44 -3.62
C THR C 85 -6.81 -3.42 -4.68
N TYR C 86 -5.66 -3.99 -4.31
CA TYR C 86 -4.44 -4.03 -5.12
C TYR C 86 -3.82 -5.41 -4.99
N GLN C 87 -2.78 -5.68 -5.77
CA GLN C 87 -2.15 -6.99 -5.79
C GLN C 87 -0.65 -6.85 -6.02
N PHE C 88 0.14 -7.42 -5.12
CA PHE C 88 1.59 -7.47 -5.32
C PHE C 88 1.96 -8.55 -6.33
N SER C 89 3.08 -8.34 -7.02
CA SER C 89 3.57 -9.35 -7.95
C SER C 89 4.19 -10.52 -7.19
N GLY C 90 4.25 -11.67 -7.88
CA GLY C 90 4.96 -12.82 -7.33
C GLY C 90 6.39 -12.49 -6.97
N GLU C 91 7.04 -11.64 -7.76
CA GLU C 91 8.43 -11.27 -7.49
C GLU C 91 8.54 -10.52 -6.16
N VAL C 92 7.65 -9.54 -5.94
CA VAL C 92 7.65 -8.78 -4.69
C VAL C 92 7.39 -9.71 -3.51
N LEU C 93 6.43 -10.63 -3.65
CA LEU C 93 6.07 -11.51 -2.54
C LEU C 93 7.18 -12.49 -2.22
N GLY C 94 7.92 -12.95 -3.23
CA GLY C 94 8.98 -13.91 -3.02
C GLY C 94 10.18 -13.32 -2.29
N ARG C 95 10.36 -12.01 -2.40
CA ARG C 95 11.42 -11.31 -1.68
C ARG C 95 10.87 -10.65 -0.42
NA NA D . -7.38 3.42 -4.54
#